data_3ARU
#
_entry.id   3ARU
#
_cell.length_a   66.670
_cell.length_b   83.930
_cell.length_c   102.420
_cell.angle_alpha   90.00
_cell.angle_beta   90.00
_cell.angle_gamma   90.00
#
_symmetry.space_group_name_H-M   'P 21 21 21'
#
loop_
_entity.id
_entity.type
_entity.pdbx_description
1 polymer 'Chitinase A'
2 non-polymer 3,7-DIMETHYL-1-(5-OXOHEXYL)-3,7-DIHYDRO-1H-PURINE-2,6-DIONE
3 water water
#
_entity_poly.entity_id   1
_entity_poly.type   'polypeptide(L)'
_entity_poly.pdbx_seq_one_letter_code
;APTAPSIDMYGSNNLQFSKIELAMETTSGYNDMVKYHELAKIKVKFNQWSGTSGDTYNVYFDGVKVATGAITGSQTTASF
EYGQGGLYQMEIEACDATGCSKSAPVEITIADTDGSHLKPLTMNVDPNNKSYNTDPSIVMGTYFVEWGIYGRDYTVDNMP
VDNLTHILYGFIPICGPNESVKSVGGNSFNALQTACRGVNDYEVVIHDPWAAYQKSFPQAGHEYSTPIKGNYAMLMALKQ
RNPDLKIIPSIGGGTLSDPFYDFVDKKNRDTFVASVKKFLKTWKFYDGVDIDWEFPGGGGAAADKGDPVNDGPAYIALMR
ELRVMLDELEAETGRTYELTSAIGVGYDKIEDVDYADAVQYMDYIFAMTYDFYGGWNNVPGHQTALYCGSFMRPGQCDGG
GVDENGEPYKGPAYTADNGIQLLLAQGVPANKLVLGTAMYGRGWEGVTPDTLTDPNDPMTGTATGKLKGSTAQGVWEDGV
IDYKGIKSFMLGANNTGINGFEYGYDAQAEAPWVWNRSTGELITFDDHRSVLAKGNYAKSLGLAGLFSWEIDADNGDILN
AMHEGMAGGVVTPPNRRSHHHHHH
;
_entity_poly.pdbx_strand_id   A
#
# COMPACT_ATOMS: atom_id res chain seq x y z
N ALA A 1 25.22 -29.74 40.12
CA ALA A 1 24.42 -30.61 41.01
C ALA A 1 23.15 -29.93 41.54
N PRO A 2 22.94 -28.63 41.24
CA PRO A 2 21.53 -28.21 41.46
C PRO A 2 20.56 -28.99 40.60
N THR A 3 19.28 -28.82 40.85
CA THR A 3 18.23 -29.38 40.00
C THR A 3 18.23 -28.56 38.69
N ALA A 4 18.13 -29.24 37.56
CA ALA A 4 18.10 -28.56 36.24
C ALA A 4 16.78 -27.74 36.22
N PRO A 5 16.83 -26.48 35.76
CA PRO A 5 15.59 -25.61 35.64
C PRO A 5 14.53 -26.26 34.75
N SER A 6 13.22 -26.09 35.05
CA SER A 6 12.10 -26.38 34.12
C SER A 6 11.61 -24.98 33.77
N ILE A 7 11.41 -24.73 32.49
CA ILE A 7 10.96 -23.37 32.04
C ILE A 7 9.44 -23.32 32.21
N ASP A 8 8.91 -22.24 32.81
CA ASP A 8 7.46 -21.96 32.92
C ASP A 8 6.98 -21.24 31.64
N MET A 9 6.48 -22.02 30.71
CA MET A 9 6.11 -21.50 29.39
C MET A 9 5.05 -20.39 29.50
N TYR A 10 4.01 -20.62 30.28
CA TYR A 10 2.94 -19.61 30.38
C TYR A 10 3.32 -18.42 31.21
N GLY A 11 4.19 -18.60 32.15
CA GLY A 11 4.65 -17.47 32.90
C GLY A 11 5.69 -16.69 32.18
N SER A 12 6.17 -17.13 30.99
CA SER A 12 7.26 -16.46 30.26
C SER A 12 6.67 -16.01 28.88
N ASN A 13 5.40 -15.62 28.88
CA ASN A 13 4.70 -15.08 27.69
C ASN A 13 4.77 -16.05 26.55
N ASN A 14 4.65 -17.34 26.90
CA ASN A 14 4.82 -18.41 25.87
C ASN A 14 6.10 -18.36 25.08
N LEU A 15 7.14 -17.78 25.68
CA LEU A 15 8.45 -17.55 25.05
C LEU A 15 8.36 -16.77 23.74
N GLN A 16 7.40 -15.87 23.66
CA GLN A 16 7.30 -14.99 22.54
C GLN A 16 7.81 -13.61 22.98
N PHE A 17 8.92 -13.13 22.40
CA PHE A 17 9.47 -11.81 22.78
C PHE A 17 9.62 -10.98 21.50
N SER A 18 10.02 -9.71 21.62
CA SER A 18 9.96 -8.88 20.40
C SER A 18 10.82 -7.65 20.60
N LYS A 19 11.52 -7.24 19.56
CA LYS A 19 12.15 -5.93 19.53
C LYS A 19 11.13 -4.79 19.43
N ILE A 20 9.91 -5.07 18.94
CA ILE A 20 8.95 -4.00 18.85
C ILE A 20 7.81 -4.30 19.83
N GLU A 21 7.43 -3.29 20.60
CA GLU A 21 6.44 -3.42 21.63
C GLU A 21 5.17 -2.77 21.08
N LEU A 22 4.13 -3.59 20.90
CA LEU A 22 2.93 -3.15 20.20
C LEU A 22 1.73 -3.32 21.13
N ALA A 23 0.91 -2.28 21.32
CA ALA A 23 -0.29 -2.49 22.12
C ALA A 23 -1.32 -3.32 21.30
N MET A 24 -1.84 -4.38 21.87
CA MET A 24 -2.71 -5.29 21.11
C MET A 24 -4.19 -5.16 21.45
N GLU A 25 -4.51 -4.47 22.53
CA GLU A 25 -5.89 -4.54 23.08
C GLU A 25 -6.39 -3.13 23.43
N THR A 26 -6.08 -2.18 22.55
CA THR A 26 -6.62 -0.85 22.71
C THR A 26 -6.37 -0.09 21.42
N THR A 27 -6.90 1.14 21.35
CA THR A 27 -6.63 2.01 20.19
C THR A 27 -6.34 3.36 20.80
N SER A 28 -5.14 3.87 20.54
CA SER A 28 -4.66 5.03 21.21
C SER A 28 -3.66 5.69 20.29
N GLY A 29 -2.93 6.67 20.80
CA GLY A 29 -1.98 7.41 19.98
C GLY A 29 -0.81 6.52 19.51
N TYR A 30 -0.28 6.90 18.35
CA TYR A 30 0.76 6.05 17.71
C TYR A 30 1.99 5.86 18.62
N ASN A 31 2.47 6.95 19.26
CA ASN A 31 3.68 6.85 20.15
C ASN A 31 3.40 6.05 21.44
N ASP A 32 2.13 6.01 21.86
CA ASP A 32 1.72 5.13 22.93
C ASP A 32 1.62 3.65 22.51
N MET A 33 1.23 3.34 21.26
CA MET A 33 0.96 1.98 20.87
C MET A 33 2.21 1.29 20.29
N VAL A 34 3.18 2.04 19.76
CA VAL A 34 4.27 1.38 19.03
C VAL A 34 5.61 1.89 19.59
N LYS A 35 6.47 1.01 20.11
CA LYS A 35 7.83 1.44 20.56
C LYS A 35 8.83 0.37 20.12
N TYR A 36 9.79 0.80 19.35
CA TYR A 36 10.78 -0.08 18.75
C TYR A 36 11.99 0.04 19.67
N HIS A 37 12.57 -1.09 20.06
CA HIS A 37 13.72 -1.13 20.94
C HIS A 37 14.87 -1.81 20.24
N GLU A 38 16.08 -1.28 20.34
CA GLU A 38 17.25 -1.91 19.73
C GLU A 38 17.56 -3.24 20.40
N LEU A 39 17.18 -3.39 21.65
CA LEU A 39 17.33 -4.73 22.33
C LEU A 39 15.95 -5.20 22.82
N ALA A 40 15.61 -6.42 22.51
CA ALA A 40 14.31 -6.98 22.98
C ALA A 40 14.48 -7.27 24.44
N LYS A 41 13.46 -7.00 25.23
CA LYS A 41 13.49 -7.39 26.64
C LYS A 41 12.98 -8.82 26.81
N ILE A 42 13.83 -9.67 27.38
CA ILE A 42 13.49 -11.09 27.53
C ILE A 42 13.21 -11.35 29.04
N LYS A 43 12.15 -12.06 29.38
CA LYS A 43 11.90 -12.41 30.77
C LYS A 43 11.43 -13.86 30.77
N VAL A 44 12.17 -14.71 31.45
CA VAL A 44 11.86 -16.15 31.41
C VAL A 44 11.79 -16.64 32.85
N LYS A 45 10.67 -17.21 33.25
CA LYS A 45 10.55 -17.77 34.58
C LYS A 45 10.85 -19.26 34.51
N PHE A 46 11.53 -19.74 35.53
CA PHE A 46 11.85 -21.15 35.59
C PHE A 46 11.75 -21.59 37.03
N ASN A 47 11.58 -22.90 37.20
CA ASN A 47 11.29 -23.47 38.53
C ASN A 47 12.29 -24.61 38.78
N GLN A 48 12.65 -24.83 40.05
CA GLN A 48 13.43 -25.99 40.49
C GLN A 48 12.65 -26.48 41.67
N TRP A 49 11.64 -27.29 41.40
CA TRP A 49 10.73 -27.66 42.49
C TRP A 49 11.36 -28.65 43.44
N SER A 50 12.23 -29.54 42.98
CA SER A 50 12.76 -30.46 43.93
C SER A 50 14.26 -30.21 44.03
N GLY A 51 14.91 -30.75 45.05
CA GLY A 51 16.39 -30.64 45.17
C GLY A 51 16.88 -29.23 45.43
N THR A 52 18.13 -28.95 45.10
CA THR A 52 18.68 -27.70 45.51
C THR A 52 18.65 -26.74 44.30
N SER A 53 18.53 -25.46 44.53
CA SER A 53 18.33 -24.47 43.46
C SER A 53 19.69 -24.06 42.89
N GLY A 54 20.71 -24.05 43.74
CA GLY A 54 22.02 -23.55 43.35
C GLY A 54 22.13 -22.05 43.48
N ASP A 55 23.18 -21.43 42.95
CA ASP A 55 23.29 -20.00 43.24
CA ASP A 55 23.50 -20.05 43.26
C ASP A 55 23.37 -19.09 42.04
N THR A 56 23.60 -19.62 40.84
CA THR A 56 23.59 -18.77 39.65
CA THR A 56 23.64 -18.78 39.65
C THR A 56 23.01 -19.47 38.43
N TYR A 57 22.45 -18.69 37.52
CA TYR A 57 21.95 -19.30 36.29
C TYR A 57 22.69 -18.71 35.11
N ASN A 58 22.82 -19.48 34.03
CA ASN A 58 23.28 -18.96 32.75
C ASN A 58 22.23 -19.29 31.67
N VAL A 59 22.02 -18.39 30.72
CA VAL A 59 21.08 -18.70 29.62
C VAL A 59 21.88 -18.81 28.33
N TYR A 60 21.58 -19.83 27.53
CA TYR A 60 22.25 -20.12 26.25
C TYR A 60 21.23 -19.98 25.16
N PHE A 61 21.59 -19.35 24.03
CA PHE A 61 20.76 -19.45 22.79
C PHE A 61 21.60 -20.25 21.77
N ASP A 62 21.11 -21.37 21.26
CA ASP A 62 21.90 -22.24 20.36
C ASP A 62 23.30 -22.49 20.87
N GLY A 63 23.45 -22.69 22.19
CA GLY A 63 24.76 -23.07 22.70
C GLY A 63 25.60 -21.91 23.08
N VAL A 64 25.15 -20.69 22.85
CA VAL A 64 25.98 -19.58 23.15
C VAL A 64 25.41 -18.89 24.37
N LYS A 65 26.26 -18.60 25.36
CA LYS A 65 25.82 -17.87 26.52
C LYS A 65 25.41 -16.45 26.26
N VAL A 66 24.23 -16.07 26.76
CA VAL A 66 23.61 -14.79 26.48
C VAL A 66 23.22 -14.01 27.71
N ALA A 67 23.15 -14.65 28.87
CA ALA A 67 22.77 -13.96 30.09
C ALA A 67 23.23 -14.78 31.28
N THR A 68 23.40 -14.12 32.40
CA THR A 68 23.66 -14.80 33.65
CA THR A 68 23.78 -14.74 33.66
C THR A 68 23.05 -14.00 34.74
N GLY A 69 22.81 -14.63 35.88
CA GLY A 69 22.30 -14.00 37.10
C GLY A 69 22.21 -14.86 38.31
N ALA A 70 21.61 -14.33 39.38
CA ALA A 70 21.56 -15.02 40.66
C ALA A 70 20.32 -15.89 40.76
N ILE A 71 20.47 -17.00 41.44
CA ILE A 71 19.32 -17.82 41.79
C ILE A 71 19.36 -17.64 43.31
N THR A 72 18.23 -17.35 43.88
CA THR A 72 18.18 -17.33 45.33
CA THR A 72 18.11 -17.21 45.31
C THR A 72 17.00 -18.07 45.95
N GLY A 73 16.23 -18.83 45.14
CA GLY A 73 15.16 -19.74 45.63
C GLY A 73 14.61 -20.69 44.57
N SER A 74 13.43 -21.26 44.79
CA SER A 74 13.00 -22.36 43.95
C SER A 74 12.26 -21.89 42.67
N GLN A 75 12.08 -20.57 42.51
CA GLN A 75 11.47 -19.97 41.32
CA GLN A 75 11.49 -19.99 41.30
C GLN A 75 12.30 -18.75 40.97
N THR A 76 12.73 -18.62 39.73
CA THR A 76 13.60 -17.50 39.38
C THR A 76 13.01 -16.87 38.12
N THR A 77 13.07 -15.54 38.02
CA THR A 77 12.73 -14.87 36.77
C THR A 77 14.06 -14.36 36.16
N ALA A 78 14.46 -14.89 35.02
CA ALA A 78 15.67 -14.36 34.32
C ALA A 78 15.25 -13.23 33.38
N SER A 79 15.74 -12.01 33.62
CA SER A 79 15.46 -10.85 32.75
C SER A 79 16.76 -10.42 32.11
N PHE A 80 16.76 -10.34 30.77
CA PHE A 80 17.96 -9.83 30.06
C PHE A 80 17.52 -9.24 28.72
N GLU A 81 18.48 -8.73 27.97
CA GLU A 81 18.16 -8.06 26.66
C GLU A 81 18.88 -8.80 25.58
N TYR A 82 18.29 -8.82 24.38
CA TYR A 82 18.96 -9.48 23.26
C TYR A 82 18.65 -8.72 21.99
N GLY A 83 19.60 -8.57 21.07
CA GLY A 83 19.42 -7.57 19.99
C GLY A 83 19.04 -8.10 18.63
N GLN A 84 18.99 -9.42 18.48
CA GLN A 84 18.83 -10.02 17.14
C GLN A 84 17.52 -10.82 17.01
N GLY A 85 16.68 -10.51 16.01
CA GLY A 85 15.44 -11.28 15.84
C GLY A 85 15.73 -12.71 15.37
N GLY A 86 14.85 -13.68 15.65
CA GLY A 86 15.05 -15.00 15.13
C GLY A 86 14.38 -16.01 16.04
N LEU A 87 14.52 -17.28 15.70
CA LEU A 87 14.08 -18.36 16.59
C LEU A 87 15.36 -18.98 17.11
N TYR A 88 15.42 -19.30 18.40
CA TYR A 88 16.64 -19.85 18.99
C TYR A 88 16.28 -21.03 19.93
N GLN A 89 17.23 -21.96 20.10
CA GLN A 89 17.03 -23.07 21.05
C GLN A 89 17.58 -22.60 22.36
N MET A 90 16.72 -22.40 23.36
CA MET A 90 17.18 -21.77 24.60
C MET A 90 17.42 -22.86 25.66
N GLU A 91 18.55 -22.78 26.42
CA GLU A 91 18.68 -23.68 27.58
C GLU A 91 19.02 -22.80 28.72
N ILE A 92 18.59 -23.21 29.90
CA ILE A 92 18.97 -22.45 31.10
C ILE A 92 19.60 -23.45 32.03
N GLU A 93 20.76 -23.07 32.53
CA GLU A 93 21.51 -23.85 33.41
C GLU A 93 21.56 -23.22 34.79
N ALA A 94 21.46 -24.09 35.82
CA ALA A 94 21.64 -23.66 37.18
C ALA A 94 23.00 -24.23 37.70
N CYS A 95 23.68 -23.40 38.50
CA CYS A 95 25.06 -23.72 38.91
C CYS A 95 25.24 -23.53 40.42
N ASP A 96 26.04 -24.40 41.03
CA ASP A 96 26.51 -24.16 42.39
C ASP A 96 28.03 -24.42 42.36
N ALA A 97 28.69 -24.39 43.52
CA ALA A 97 30.13 -24.54 43.51
C ALA A 97 30.56 -25.91 42.96
N THR A 98 29.67 -26.91 42.93
CA THR A 98 30.08 -28.25 42.53
C THR A 98 29.78 -28.56 41.04
N GLY A 99 28.95 -27.76 40.36
CA GLY A 99 28.62 -28.13 38.98
C GLY A 99 27.36 -27.41 38.49
N CYS A 100 26.98 -27.68 37.25
CA CYS A 100 25.86 -27.01 36.59
C CYS A 100 24.93 -28.08 36.09
N SER A 101 23.64 -27.74 36.02
CA SER A 101 22.64 -28.62 35.45
C SER A 101 21.79 -27.85 34.43
N LYS A 102 21.79 -28.28 33.17
CA LYS A 102 21.10 -27.53 32.08
C LYS A 102 19.65 -28.07 31.86
N SER A 103 18.72 -27.17 31.62
CA SER A 103 17.35 -27.54 31.25
C SER A 103 17.44 -28.21 29.86
N ALA A 104 16.37 -28.91 29.52
CA ALA A 104 16.14 -29.35 28.12
C ALA A 104 15.97 -28.05 27.31
N PRO A 105 16.32 -28.05 26.02
CA PRO A 105 16.18 -26.87 25.11
C PRO A 105 14.72 -26.67 24.74
N VAL A 106 14.32 -25.40 24.52
CA VAL A 106 12.98 -25.07 24.13
C VAL A 106 13.16 -23.88 23.18
N GLU A 107 12.36 -23.84 22.12
CA GLU A 107 12.49 -22.76 21.15
C GLU A 107 11.93 -21.45 21.72
N ILE A 108 12.73 -20.40 21.63
CA ILE A 108 12.21 -19.07 22.02
C ILE A 108 12.11 -18.22 20.74
N THR A 109 11.15 -17.33 20.69
CA THR A 109 11.01 -16.44 19.50
C THR A 109 11.36 -15.02 19.88
N ILE A 110 12.19 -14.37 19.08
CA ILE A 110 12.38 -12.93 19.25
C ILE A 110 11.94 -12.25 17.95
N ALA A 111 10.75 -11.66 17.93
CA ALA A 111 10.22 -11.03 16.72
C ALA A 111 11.02 -9.81 16.36
N ASP A 112 11.19 -9.62 15.04
CA ASP A 112 11.68 -8.32 14.58
C ASP A 112 10.89 -8.04 13.31
N THR A 113 10.90 -6.78 12.90
CA THR A 113 9.92 -6.36 11.88
C THR A 113 10.42 -6.57 10.43
N ASP A 114 11.56 -7.22 10.29
CA ASP A 114 12.01 -7.74 9.00
C ASP A 114 11.44 -9.16 8.80
N GLY A 115 10.78 -9.72 9.81
CA GLY A 115 10.21 -11.03 9.65
C GLY A 115 11.21 -12.17 9.81
N SER A 116 12.35 -11.90 10.44
CA SER A 116 13.38 -12.95 10.63
C SER A 116 12.95 -14.10 11.55
N HIS A 117 11.87 -13.93 12.30
CA HIS A 117 11.35 -15.02 13.13
C HIS A 117 10.20 -15.78 12.44
N LEU A 118 9.89 -15.45 11.17
CA LEU A 118 8.69 -15.99 10.49
C LEU A 118 9.05 -16.93 9.30
N LYS A 119 8.24 -17.96 9.11
CA LYS A 119 8.39 -18.82 7.91
C LYS A 119 7.70 -18.07 6.77
N PRO A 120 8.11 -18.37 5.52
CA PRO A 120 7.39 -17.84 4.36
C PRO A 120 5.91 -17.99 4.45
N LEU A 121 5.20 -16.94 4.07
CA LEU A 121 3.75 -16.92 4.06
C LEU A 121 3.13 -18.00 3.19
N THR A 122 2.13 -18.68 3.70
CA THR A 122 1.32 -19.63 2.87
C THR A 122 0.30 -18.82 2.08
N MET A 123 0.25 -18.98 0.76
CA MET A 123 -0.63 -18.14 -0.06
C MET A 123 -1.93 -18.80 -0.33
N ASN A 124 -2.94 -18.02 -0.65
CA ASN A 124 -4.27 -18.51 -1.01
C ASN A 124 -4.76 -17.63 -2.14
N VAL A 125 -4.12 -17.76 -3.31
CA VAL A 125 -4.40 -16.87 -4.44
C VAL A 125 -5.46 -17.47 -5.37
N ASP A 126 -6.42 -16.66 -5.83
CA ASP A 126 -7.36 -17.12 -6.84
C ASP A 126 -6.59 -17.69 -8.07
N PRO A 127 -6.88 -18.95 -8.45
CA PRO A 127 -6.10 -19.55 -9.58
C PRO A 127 -6.40 -18.95 -10.96
N ASN A 128 -7.41 -18.07 -11.10
CA ASN A 128 -7.59 -17.27 -12.31
C ASN A 128 -6.34 -16.37 -12.61
N ASN A 129 -5.56 -16.02 -11.57
CA ASN A 129 -4.23 -15.43 -11.78
C ASN A 129 -3.23 -16.47 -12.38
N LYS A 130 -2.73 -16.20 -13.57
CA LYS A 130 -1.87 -17.16 -14.25
C LYS A 130 -0.42 -16.90 -13.97
N SER A 131 0.45 -17.84 -14.35
CA SER A 131 1.89 -17.70 -14.17
C SER A 131 2.51 -17.12 -15.41
N TYR A 132 3.46 -16.22 -15.22
CA TYR A 132 4.13 -15.58 -16.33
C TYR A 132 5.63 -15.67 -16.09
N ASN A 133 6.39 -15.37 -17.13
CA ASN A 133 7.84 -15.33 -17.04
C ASN A 133 8.28 -13.98 -17.53
N THR A 134 7.71 -12.92 -16.97
CA THR A 134 7.97 -11.55 -17.39
C THR A 134 9.38 -11.20 -16.94
N ASP A 135 10.12 -10.48 -17.77
CA ASP A 135 11.46 -9.97 -17.45
C ASP A 135 11.40 -9.31 -16.09
N PRO A 136 12.27 -9.72 -15.16
CA PRO A 136 12.14 -9.17 -13.81
C PRO A 136 12.50 -7.68 -13.71
N SER A 137 13.04 -7.11 -14.79
CA SER A 137 13.38 -5.67 -14.81
C SER A 137 12.17 -4.75 -15.12
N ILE A 138 11.03 -5.32 -15.54
CA ILE A 138 9.85 -4.53 -15.83
C ILE A 138 9.06 -4.34 -14.54
N VAL A 139 8.64 -3.11 -14.25
CA VAL A 139 7.84 -2.90 -13.02
C VAL A 139 6.49 -3.46 -13.25
N MET A 140 6.00 -4.23 -12.29
CA MET A 140 4.61 -4.70 -12.36
C MET A 140 4.04 -4.42 -10.95
N GLY A 141 3.40 -3.27 -10.78
CA GLY A 141 3.11 -2.80 -9.38
C GLY A 141 1.62 -2.89 -9.11
N THR A 142 1.25 -2.88 -7.84
CA THR A 142 -0.16 -2.73 -7.50
C THR A 142 -0.26 -2.08 -6.12
N TYR A 143 -1.42 -1.50 -5.82
CA TYR A 143 -1.69 -1.04 -4.49
C TYR A 143 -2.53 -2.10 -3.73
N PHE A 144 -2.14 -2.34 -2.48
CA PHE A 144 -2.91 -3.17 -1.58
C PHE A 144 -3.42 -2.22 -0.52
N VAL A 145 -4.73 -2.22 -0.27
CA VAL A 145 -5.24 -1.25 0.71
C VAL A 145 -5.52 -1.89 2.07
N GLU A 146 -5.14 -1.15 3.09
CA GLU A 146 -5.25 -1.62 4.48
C GLU A 146 -6.66 -2.04 4.90
N TRP A 147 -7.65 -1.29 4.46
CA TRP A 147 -9.09 -1.57 4.73
C TRP A 147 -9.71 -2.67 3.88
N GLY A 148 -8.94 -3.28 3.01
CA GLY A 148 -9.49 -4.34 2.14
C GLY A 148 -9.79 -5.61 2.94
N ILE A 149 -9.29 -5.69 4.16
CA ILE A 149 -9.47 -6.90 4.99
C ILE A 149 -10.88 -6.98 5.65
N TYR A 150 -11.67 -5.92 5.53
CA TYR A 150 -13.00 -5.84 6.15
C TYR A 150 -14.01 -6.40 5.13
N GLY A 151 -15.00 -5.60 4.71
CA GLY A 151 -16.07 -6.12 3.79
C GLY A 151 -15.52 -6.75 2.50
N ARG A 152 -14.40 -6.22 1.97
CA ARG A 152 -13.85 -6.75 0.72
C ARG A 152 -13.15 -8.09 0.93
N ASP A 153 -12.81 -8.39 2.19
CA ASP A 153 -12.32 -9.66 2.60
C ASP A 153 -11.12 -10.12 1.77
N TYR A 154 -10.17 -9.21 1.53
CA TYR A 154 -9.00 -9.49 0.70
C TYR A 154 -7.74 -9.24 1.56
N THR A 155 -7.04 -10.32 1.88
CA THR A 155 -5.93 -10.29 2.77
C THR A 155 -4.63 -10.47 2.00
N VAL A 156 -3.51 -10.21 2.65
CA VAL A 156 -2.19 -10.26 2.06
C VAL A 156 -1.88 -11.58 1.33
N ASP A 157 -2.30 -12.68 1.91
CA ASP A 157 -2.09 -14.02 1.32
C ASP A 157 -2.94 -14.24 0.04
N ASN A 158 -3.91 -13.36 -0.22
CA ASN A 158 -4.66 -13.39 -1.52
C ASN A 158 -3.89 -12.78 -2.69
N MET A 159 -2.84 -11.99 -2.41
CA MET A 159 -2.19 -11.30 -3.54
C MET A 159 -1.40 -12.26 -4.44
N PRO A 160 -1.50 -12.10 -5.75
CA PRO A 160 -0.72 -12.89 -6.72
C PRO A 160 0.73 -12.40 -6.72
N VAL A 161 1.43 -12.57 -5.60
CA VAL A 161 2.73 -11.94 -5.46
C VAL A 161 3.77 -12.31 -6.47
N ASP A 162 3.70 -13.51 -7.04
CA ASP A 162 4.73 -13.89 -8.01
C ASP A 162 4.53 -13.14 -9.32
N ASN A 163 3.40 -12.45 -9.47
CA ASN A 163 3.18 -11.58 -10.62
C ASN A 163 3.37 -10.09 -10.34
N LEU A 164 4.06 -9.77 -9.26
CA LEU A 164 4.22 -8.39 -8.83
C LEU A 164 5.70 -8.15 -8.53
N THR A 165 6.19 -6.95 -8.82
CA THR A 165 7.52 -6.51 -8.41
C THR A 165 7.45 -5.53 -7.24
N HIS A 166 6.35 -4.78 -7.18
CA HIS A 166 6.13 -3.74 -6.16
C HIS A 166 4.72 -3.83 -5.60
N ILE A 167 4.62 -3.83 -4.27
CA ILE A 167 3.36 -3.75 -3.53
CA ILE A 167 3.32 -3.68 -3.64
C ILE A 167 3.34 -2.35 -2.88
N LEU A 168 2.43 -1.46 -3.27
CA LEU A 168 2.35 -0.17 -2.56
C LEU A 168 1.23 -0.29 -1.51
N TYR A 169 1.53 -0.03 -0.24
CA TYR A 169 0.57 -0.24 0.83
C TYR A 169 -0.18 1.06 1.14
N GLY A 170 -1.46 1.08 0.78
CA GLY A 170 -2.29 2.28 0.86
C GLY A 170 -3.11 2.23 2.17
N PHE A 171 -3.16 3.31 2.97
CA PHE A 171 -2.26 4.47 2.96
C PHE A 171 -1.82 4.82 4.37
N ILE A 172 -0.68 5.49 4.42
CA ILE A 172 -0.15 6.03 5.68
C ILE A 172 -0.50 7.52 5.74
N PRO A 173 -1.25 7.95 6.77
CA PRO A 173 -1.65 9.33 6.93
C PRO A 173 -0.54 10.14 7.63
N ILE A 174 -0.70 11.47 7.61
CA ILE A 174 0.20 12.38 8.26
C ILE A 174 -0.66 13.19 9.27
N CYS A 175 -0.22 13.26 10.51
CA CYS A 175 -0.93 14.06 11.51
C CYS A 175 -0.99 15.48 11.15
N GLY A 176 -2.10 16.13 11.45
CA GLY A 176 -2.18 17.61 11.14
C GLY A 176 -3.52 17.95 10.55
N PRO A 177 -3.57 19.05 9.75
CA PRO A 177 -4.83 19.42 9.10
C PRO A 177 -5.33 18.28 8.22
N ASN A 178 -6.56 17.83 8.43
CA ASN A 178 -7.04 16.67 7.70
C ASN A 178 -8.53 16.79 7.51
N GLU A 179 -8.98 18.01 7.24
CA GLU A 179 -10.43 18.22 6.94
C GLU A 179 -10.95 17.33 5.79
N SER A 180 -10.11 17.06 4.79
CA SER A 180 -10.59 16.17 3.70
C SER A 180 -11.01 14.77 4.14
N VAL A 181 -10.32 14.25 5.17
CA VAL A 181 -10.62 12.94 5.77
C VAL A 181 -12.00 12.99 6.51
N LYS A 182 -12.22 14.08 7.22
CA LYS A 182 -13.47 14.28 7.93
C LYS A 182 -14.64 14.21 6.94
N SER A 183 -14.47 14.85 5.80
CA SER A 183 -15.54 15.02 4.77
C SER A 183 -15.96 13.74 4.19
N VAL A 184 -15.12 12.74 4.29
CA VAL A 184 -15.49 11.43 3.82
C VAL A 184 -16.49 10.67 4.68
N GLY A 185 -16.78 11.16 5.89
CA GLY A 185 -17.68 10.34 6.73
C GLY A 185 -17.09 9.02 7.25
N GLY A 186 -17.95 8.18 7.82
CA GLY A 186 -17.43 6.93 8.44
C GLY A 186 -16.45 7.23 9.60
N ASN A 187 -15.56 6.29 9.90
CA ASN A 187 -14.74 6.44 11.11
C ASN A 187 -13.32 6.88 10.78
N SER A 188 -12.97 7.12 9.49
CA SER A 188 -11.59 7.46 9.07
CA SER A 188 -11.57 7.44 9.10
C SER A 188 -10.98 8.65 9.87
N PHE A 189 -11.76 9.74 10.00
CA PHE A 189 -11.21 10.88 10.66
C PHE A 189 -11.02 10.60 12.19
N ASN A 190 -12.01 9.97 12.79
CA ASN A 190 -11.95 9.63 14.21
C ASN A 190 -10.74 8.71 14.52
N ALA A 191 -10.53 7.70 13.64
CA ALA A 191 -9.38 6.82 13.73
C ALA A 191 -8.09 7.62 13.68
N LEU A 192 -8.04 8.56 12.76
CA LEU A 192 -6.85 9.39 12.57
C LEU A 192 -6.63 10.32 13.79
N GLN A 193 -7.70 10.92 14.31
CA GLN A 193 -7.53 11.76 15.47
C GLN A 193 -6.95 10.96 16.66
N THR A 194 -7.47 9.74 16.88
CA THR A 194 -6.94 8.85 17.91
C THR A 194 -5.47 8.55 17.73
N ALA A 195 -5.11 8.11 16.51
CA ALA A 195 -3.72 7.76 16.19
C ALA A 195 -2.78 8.96 16.40
N CYS A 196 -3.26 10.18 16.16
CA CYS A 196 -2.42 11.35 16.33
C CYS A 196 -2.38 11.95 17.78
N ARG A 197 -3.11 11.40 18.73
CA ARG A 197 -2.99 11.94 20.10
C ARG A 197 -1.59 11.73 20.65
N GLY A 198 -0.94 12.79 21.15
CA GLY A 198 0.41 12.63 21.62
C GLY A 198 1.44 12.63 20.48
N VAL A 199 1.01 12.87 19.23
CA VAL A 199 1.96 12.87 18.06
C VAL A 199 2.13 14.29 17.49
N ASN A 200 3.34 14.67 17.10
CA ASN A 200 3.55 16.04 16.53
C ASN A 200 2.86 16.08 15.19
N ASP A 201 2.28 17.23 14.87
CA ASP A 201 1.84 17.45 13.50
C ASP A 201 2.94 17.18 12.50
N TYR A 202 2.53 16.65 11.34
CA TYR A 202 3.42 16.40 10.22
C TYR A 202 4.24 15.12 10.33
N GLU A 203 3.98 14.30 11.34
CA GLU A 203 4.62 13.00 11.40
C GLU A 203 3.63 11.95 10.89
N VAL A 204 4.17 10.88 10.37
CA VAL A 204 3.32 9.76 9.90
C VAL A 204 2.84 8.89 11.09
N VAL A 205 1.66 8.33 10.92
CA VAL A 205 1.14 7.34 11.85
C VAL A 205 0.47 6.23 11.08
N ILE A 206 0.28 5.09 11.74
CA ILE A 206 -0.57 4.06 11.19
C ILE A 206 -2.04 4.42 11.45
N HIS A 207 -2.83 4.35 10.42
CA HIS A 207 -4.23 4.80 10.48
C HIS A 207 -5.10 3.77 11.22
N ASP A 208 -4.88 2.47 10.97
CA ASP A 208 -5.76 1.45 11.52
C ASP A 208 -4.87 0.35 12.10
N PRO A 209 -4.53 0.46 13.40
CA PRO A 209 -3.55 -0.47 13.99
C PRO A 209 -4.17 -1.87 14.11
N TRP A 210 -5.49 -1.94 14.11
CA TRP A 210 -6.09 -3.26 14.14
C TRP A 210 -5.79 -3.99 12.84
N ALA A 211 -6.03 -3.34 11.71
CA ALA A 211 -5.65 -3.96 10.43
C ALA A 211 -4.13 -4.17 10.30
N ALA A 212 -3.33 -3.25 10.83
CA ALA A 212 -1.91 -3.27 10.53
C ALA A 212 -1.20 -4.31 11.32
N TYR A 213 -1.46 -4.36 12.65
CA TYR A 213 -0.68 -5.34 13.43
C TYR A 213 -1.39 -6.03 14.57
N GLN A 214 -2.69 -5.80 14.77
CA GLN A 214 -3.41 -6.46 15.92
C GLN A 214 -4.25 -7.67 15.54
N LYS A 215 -4.87 -7.62 14.36
CA LYS A 215 -5.85 -8.61 13.98
C LYS A 215 -5.14 -9.94 13.77
N SER A 216 -5.67 -10.97 14.45
CA SER A 216 -5.09 -12.31 14.33
C SER A 216 -5.63 -12.97 13.06
N PHE A 217 -4.75 -13.35 12.16
CA PHE A 217 -5.09 -14.11 10.97
C PHE A 217 -4.70 -15.58 11.09
N PRO A 218 -5.71 -16.46 11.13
CA PRO A 218 -5.49 -17.95 11.25
C PRO A 218 -4.60 -18.47 10.15
N GLN A 219 -4.85 -18.07 8.89
CA GLN A 219 -4.01 -18.54 7.76
C GLN A 219 -2.56 -18.21 7.91
N ALA A 220 -2.23 -17.23 8.75
CA ALA A 220 -0.83 -16.89 8.94
C ALA A 220 -0.29 -17.56 10.19
N GLY A 221 -1.09 -18.36 10.88
CA GLY A 221 -0.56 -19.07 12.05
C GLY A 221 -0.51 -18.15 13.28
N HIS A 222 -1.16 -17.00 13.20
CA HIS A 222 -1.18 -16.17 14.37
C HIS A 222 -1.86 -16.81 15.60
N GLU A 223 -1.23 -16.65 16.77
CA GLU A 223 -1.76 -17.14 18.06
C GLU A 223 -1.96 -15.95 19.02
N TYR A 224 -2.57 -16.19 20.16
CA TYR A 224 -2.72 -15.12 21.18
C TYR A 224 -1.42 -14.36 21.53
N SER A 225 -0.32 -15.09 21.71
CA SER A 225 0.95 -14.52 22.16
CA SER A 225 0.93 -14.46 22.17
C SER A 225 1.83 -13.97 21.03
N THR A 226 1.42 -14.19 19.77
CA THR A 226 2.24 -13.69 18.62
C THR A 226 2.50 -12.18 18.76
N PRO A 227 3.77 -11.76 18.74
CA PRO A 227 3.98 -10.36 19.16
C PRO A 227 3.60 -9.35 18.05
N ILE A 228 3.59 -9.80 16.79
CA ILE A 228 3.19 -8.94 15.67
C ILE A 228 2.15 -9.72 14.86
N LYS A 229 0.97 -9.16 14.64
CA LYS A 229 -0.03 -9.83 13.86
C LYS A 229 -0.48 -8.90 12.70
N GLY A 230 -1.72 -8.96 12.29
CA GLY A 230 -2.19 -7.99 11.29
C GLY A 230 -1.61 -8.16 9.88
N ASN A 231 -1.92 -7.19 9.03
CA ASN A 231 -1.39 -7.17 7.68
C ASN A 231 0.15 -7.10 7.68
N TYR A 232 0.73 -6.33 8.59
CA TYR A 232 2.18 -6.12 8.64
C TYR A 232 2.90 -7.43 8.94
N ALA A 233 2.43 -8.22 9.90
CA ALA A 233 3.09 -9.56 10.08
C ALA A 233 3.01 -10.46 8.83
N MET A 234 1.89 -10.37 8.10
CA MET A 234 1.71 -11.14 6.87
C MET A 234 2.64 -10.60 5.78
N LEU A 235 2.85 -9.27 5.73
CA LEU A 235 3.80 -8.69 4.76
C LEU A 235 5.24 -9.11 5.15
N MET A 236 5.50 -9.18 6.45
CA MET A 236 6.81 -9.72 6.85
C MET A 236 7.04 -11.15 6.40
N ALA A 237 6.03 -12.05 6.59
CA ALA A 237 6.16 -13.44 6.14
C ALA A 237 6.19 -13.53 4.61
N LEU A 238 5.50 -12.59 3.95
CA LEU A 238 5.60 -12.47 2.50
C LEU A 238 7.03 -12.14 1.97
N LYS A 239 7.74 -11.20 2.60
CA LYS A 239 9.13 -10.93 2.27
CA LYS A 239 9.15 -10.89 2.30
C LYS A 239 10.03 -12.13 2.50
N GLN A 240 9.63 -13.01 3.42
CA GLN A 240 10.41 -14.26 3.63
C GLN A 240 10.20 -15.23 2.47
N ARG A 241 9.00 -15.24 1.89
CA ARG A 241 8.71 -16.05 0.71
C ARG A 241 9.30 -15.43 -0.57
N ASN A 242 9.26 -14.09 -0.68
CA ASN A 242 9.63 -13.38 -1.92
C ASN A 242 10.59 -12.28 -1.61
N PRO A 243 11.86 -12.63 -1.29
CA PRO A 243 12.76 -11.56 -0.76
C PRO A 243 13.03 -10.41 -1.73
N ASP A 244 12.80 -10.62 -3.03
CA ASP A 244 13.07 -9.53 -4.00
C ASP A 244 11.86 -8.63 -4.26
N LEU A 245 10.72 -8.97 -3.69
CA LEU A 245 9.53 -8.12 -3.85
C LEU A 245 9.68 -6.83 -3.04
N LYS A 246 9.42 -5.67 -3.64
CA LYS A 246 9.52 -4.41 -2.87
C LYS A 246 8.12 -4.09 -2.30
N ILE A 247 8.06 -3.76 -1.01
CA ILE A 247 6.80 -3.43 -0.34
C ILE A 247 7.06 -2.03 0.19
N ILE A 248 6.24 -1.06 -0.24
CA ILE A 248 6.56 0.36 -0.03
C ILE A 248 5.34 1.02 0.57
N PRO A 249 5.48 1.79 1.66
CA PRO A 249 4.25 2.37 2.22
C PRO A 249 3.91 3.61 1.35
N SER A 250 2.65 3.81 1.06
CA SER A 250 2.25 4.97 0.28
C SER A 250 1.66 5.98 1.25
N ILE A 251 2.25 7.16 1.28
CA ILE A 251 1.85 8.19 2.27
C ILE A 251 0.96 9.20 1.56
N GLY A 252 -0.24 9.42 2.11
CA GLY A 252 -1.14 10.40 1.47
C GLY A 252 -2.32 9.74 0.72
N GLY A 253 -2.42 10.06 -0.56
CA GLY A 253 -3.56 9.60 -1.37
C GLY A 253 -4.59 10.72 -1.39
N GLY A 254 -5.72 10.48 -2.03
CA GLY A 254 -6.66 11.55 -2.34
C GLY A 254 -7.23 12.23 -1.07
N THR A 255 -7.59 11.45 -0.09
CA THR A 255 -8.20 12.13 1.05
C THR A 255 -7.25 12.50 2.16
N LEU A 256 -6.03 11.94 2.16
CA LEU A 256 -5.02 12.16 3.22
C LEU A 256 -3.92 13.13 2.85
N SER A 257 -4.12 13.93 1.79
CA SER A 257 -3.03 14.78 1.33
C SER A 257 -3.06 16.20 1.97
N ASP A 258 -4.07 16.54 2.76
CA ASP A 258 -4.13 17.92 3.33
C ASP A 258 -2.79 18.45 3.95
N PRO A 259 -2.10 17.64 4.80
CA PRO A 259 -0.90 18.15 5.45
C PRO A 259 0.21 18.51 4.48
N PHE A 260 0.25 17.90 3.27
CA PHE A 260 1.35 18.24 2.34
C PHE A 260 1.30 19.70 1.92
N TYR A 261 0.16 20.36 1.99
CA TYR A 261 0.13 21.77 1.57
C TYR A 261 0.92 22.70 2.51
N ASP A 262 1.28 22.20 3.69
CA ASP A 262 2.10 22.94 4.64
C ASP A 262 3.56 22.59 4.50
N PHE A 263 3.93 21.82 3.48
CA PHE A 263 5.33 21.52 3.29
C PHE A 263 6.06 22.64 2.60
N VAL A 264 5.38 23.73 2.27
CA VAL A 264 6.20 24.91 1.88
C VAL A 264 7.05 25.45 3.06
N ASP A 265 6.69 25.12 4.33
CA ASP A 265 7.56 25.46 5.46
C ASP A 265 8.48 24.29 5.70
N LYS A 266 9.76 24.55 5.57
CA LYS A 266 10.79 23.49 5.64
C LYS A 266 10.82 22.79 7.01
N LYS A 267 10.53 23.50 8.10
CA LYS A 267 10.48 22.78 9.40
C LYS A 267 9.45 21.60 9.38
N ASN A 268 8.36 21.80 8.67
CA ASN A 268 7.32 20.73 8.54
C ASN A 268 7.86 19.57 7.71
N ARG A 269 8.61 19.88 6.64
CA ARG A 269 9.25 18.80 5.91
C ARG A 269 10.25 18.08 6.79
N ASP A 270 11.03 18.82 7.58
CA ASP A 270 12.07 18.14 8.41
C ASP A 270 11.36 17.18 9.37
N THR A 271 10.28 17.63 9.99
CA THR A 271 9.57 16.81 11.00
C THR A 271 9.06 15.51 10.28
N PHE A 272 8.50 15.70 9.09
CA PHE A 272 7.93 14.58 8.35
C PHE A 272 9.03 13.62 7.91
N VAL A 273 10.12 14.12 7.31
CA VAL A 273 11.22 13.23 6.86
C VAL A 273 11.82 12.47 8.06
N ALA A 274 12.02 13.16 9.17
CA ALA A 274 12.49 12.45 10.35
C ALA A 274 11.51 11.32 10.78
N SER A 275 10.20 11.56 10.66
CA SER A 275 9.22 10.52 11.11
C SER A 275 9.20 9.37 10.15
N VAL A 276 9.41 9.68 8.86
CA VAL A 276 9.56 8.57 7.90
C VAL A 276 10.79 7.69 8.14
N LYS A 277 11.91 8.34 8.43
CA LYS A 277 13.07 7.56 8.82
C LYS A 277 12.79 6.60 10.02
N LYS A 278 12.18 7.12 11.06
CA LYS A 278 11.87 6.34 12.24
C LYS A 278 10.90 5.25 11.88
N PHE A 279 9.93 5.61 11.03
CA PHE A 279 9.00 4.60 10.54
C PHE A 279 9.68 3.42 9.82
N LEU A 280 10.68 3.70 8.96
CA LEU A 280 11.31 2.61 8.23
C LEU A 280 12.33 1.85 9.16
N LYS A 281 12.86 2.54 10.16
CA LYS A 281 13.64 1.79 11.17
C LYS A 281 12.80 0.89 12.11
N THR A 282 11.51 1.25 12.28
CA THR A 282 10.56 0.52 13.15
C THR A 282 9.98 -0.64 12.34
N TRP A 283 9.68 -0.41 11.04
CA TRP A 283 8.93 -1.41 10.28
C TRP A 283 9.85 -1.84 9.14
N LYS A 284 10.74 -2.79 9.43
CA LYS A 284 11.89 -3.01 8.53
C LYS A 284 11.53 -3.79 7.26
N PHE A 285 10.32 -4.36 7.17
CA PHE A 285 9.90 -5.02 5.89
C PHE A 285 9.72 -4.03 4.76
N TYR A 286 9.54 -2.76 5.11
CA TYR A 286 9.34 -1.77 4.05
C TYR A 286 10.64 -1.37 3.36
N ASP A 287 10.57 -1.14 2.04
CA ASP A 287 11.71 -0.99 1.19
C ASP A 287 11.81 0.41 0.55
N GLY A 288 11.19 1.42 1.12
CA GLY A 288 11.33 2.75 0.55
C GLY A 288 10.10 3.55 0.98
N VAL A 289 9.75 4.55 0.20
CA VAL A 289 8.59 5.34 0.52
C VAL A 289 7.99 5.83 -0.79
N ASP A 290 6.66 5.90 -0.80
CA ASP A 290 5.89 6.38 -1.94
C ASP A 290 5.13 7.61 -1.48
N ILE A 291 5.25 8.71 -2.20
CA ILE A 291 4.63 9.93 -1.79
C ILE A 291 3.46 10.16 -2.74
N ASP A 292 2.24 10.17 -2.22
CA ASP A 292 1.09 10.38 -3.05
C ASP A 292 0.39 11.69 -2.67
N TRP A 293 0.97 12.80 -3.11
CA TRP A 293 0.37 14.11 -2.74
C TRP A 293 -0.58 14.44 -3.89
N GLU A 294 -1.85 14.56 -3.54
CA GLU A 294 -2.91 14.79 -4.52
CA GLU A 294 -2.85 14.80 -4.56
C GLU A 294 -3.54 16.12 -4.17
N PHE A 295 -3.01 17.29 -4.66
CA PHE A 295 -1.97 17.43 -5.68
C PHE A 295 -1.21 18.73 -5.40
N PRO A 296 0.09 18.76 -5.73
CA PRO A 296 0.78 20.05 -5.67
C PRO A 296 0.03 21.06 -6.57
N GLY A 297 -0.21 22.26 -6.04
CA GLY A 297 -0.96 23.31 -6.78
C GLY A 297 -2.44 23.29 -6.50
N GLY A 298 -2.96 22.22 -5.90
CA GLY A 298 -4.39 22.08 -5.66
C GLY A 298 -5.18 21.33 -6.70
N GLY A 299 -6.49 21.59 -6.71
CA GLY A 299 -7.40 20.81 -7.53
C GLY A 299 -7.64 19.42 -7.00
N GLY A 300 -7.33 19.14 -5.72
CA GLY A 300 -7.73 17.87 -5.19
C GLY A 300 -8.87 17.95 -4.19
N ALA A 301 -8.84 17.07 -3.18
CA ALA A 301 -9.92 17.06 -2.19
C ALA A 301 -10.05 18.31 -1.36
N ALA A 302 -8.94 18.97 -1.08
CA ALA A 302 -8.95 20.16 -0.28
C ALA A 302 -9.26 21.40 -1.22
N ALA A 303 -10.54 21.79 -1.28
CA ALA A 303 -10.96 22.89 -2.15
C ALA A 303 -10.28 24.23 -1.81
N ASP A 304 -9.85 24.41 -0.57
CA ASP A 304 -9.30 25.68 -0.11
C ASP A 304 -7.78 25.70 -0.04
N LYS A 305 -7.13 24.66 -0.55
CA LYS A 305 -5.65 24.57 -0.49
C LYS A 305 -5.05 24.35 -1.87
N GLY A 306 -3.76 24.63 -1.95
CA GLY A 306 -3.01 24.46 -3.17
C GLY A 306 -2.35 25.79 -3.56
N ASP A 307 -1.07 25.70 -3.82
CA ASP A 307 -0.27 26.88 -4.12
C ASP A 307 0.57 26.56 -5.39
N PRO A 308 0.07 26.99 -6.56
CA PRO A 308 0.72 26.69 -7.83
C PRO A 308 2.09 27.35 -7.97
N VAL A 309 2.40 28.41 -7.20
CA VAL A 309 3.79 28.99 -7.17
C VAL A 309 4.85 28.16 -6.38
N ASN A 310 4.47 27.75 -5.17
CA ASN A 310 5.34 27.18 -4.18
C ASN A 310 5.25 25.67 -3.97
N ASP A 311 4.13 25.02 -4.32
CA ASP A 311 4.00 23.58 -4.03
C ASP A 311 4.98 22.74 -4.81
N GLY A 312 5.16 23.06 -6.09
CA GLY A 312 6.15 22.33 -6.91
C GLY A 312 7.58 22.38 -6.35
N PRO A 313 8.06 23.60 -6.05
CA PRO A 313 9.41 23.59 -5.45
C PRO A 313 9.48 22.88 -4.10
N ALA A 314 8.38 22.95 -3.32
CA ALA A 314 8.30 22.22 -2.06
C ALA A 314 8.33 20.73 -2.30
N TYR A 315 7.65 20.28 -3.36
CA TYR A 315 7.67 18.86 -3.67
C TYR A 315 9.06 18.40 -4.08
N ILE A 316 9.75 19.23 -4.86
CA ILE A 316 11.11 18.84 -5.32
C ILE A 316 12.06 18.79 -4.08
N ALA A 317 11.96 19.77 -3.20
CA ALA A 317 12.78 19.83 -1.93
C ALA A 317 12.46 18.61 -1.08
N LEU A 318 11.17 18.26 -0.96
CA LEU A 318 10.79 17.07 -0.21
C LEU A 318 11.47 15.83 -0.79
N MET A 319 11.42 15.67 -2.10
CA MET A 319 12.04 14.49 -2.71
C MET A 319 13.55 14.51 -2.45
N ARG A 320 14.20 15.68 -2.60
CA ARG A 320 15.66 15.72 -2.31
C ARG A 320 15.94 15.28 -0.84
N GLU A 321 15.16 15.84 0.09
CA GLU A 321 15.38 15.60 1.50
C GLU A 321 15.06 14.17 1.89
N LEU A 322 14.03 13.59 1.28
CA LEU A 322 13.77 12.14 1.49
C LEU A 322 14.92 11.29 0.98
N ARG A 323 15.41 11.63 -0.22
CA ARG A 323 16.51 10.89 -0.81
C ARG A 323 17.75 10.95 0.09
N VAL A 324 18.05 12.13 0.65
CA VAL A 324 19.15 12.23 1.63
C VAL A 324 18.95 11.29 2.81
N MET A 325 17.74 11.29 3.35
CA MET A 325 17.42 10.43 4.45
C MET A 325 17.51 8.97 4.08
N LEU A 326 16.99 8.58 2.94
CA LEU A 326 17.05 7.18 2.52
C LEU A 326 18.49 6.69 2.26
N ASP A 327 19.35 7.58 1.78
CA ASP A 327 20.78 7.32 1.68
C ASP A 327 21.42 7.04 3.05
N GLU A 328 21.01 7.74 4.09
CA GLU A 328 21.51 7.41 5.43
C GLU A 328 21.10 5.99 5.78
N LEU A 329 19.85 5.64 5.48
CA LEU A 329 19.36 4.29 5.84
C LEU A 329 20.08 3.25 5.03
N GLU A 330 20.38 3.54 3.77
CA GLU A 330 21.09 2.55 2.97
C GLU A 330 22.50 2.36 3.56
N ALA A 331 23.10 3.47 3.98
CA ALA A 331 24.45 3.45 4.63
C ALA A 331 24.35 2.58 5.92
N GLU A 332 23.34 2.80 6.74
CA GLU A 332 23.23 2.06 8.01
C GLU A 332 22.91 0.58 7.88
N THR A 333 22.26 0.16 6.80
CA THR A 333 21.67 -1.20 6.75
C THR A 333 22.26 -2.04 5.67
N GLY A 334 23.00 -1.42 4.74
CA GLY A 334 23.40 -2.08 3.52
C GLY A 334 22.29 -2.45 2.53
N ARG A 335 21.08 -1.91 2.73
CA ARG A 335 19.94 -2.25 1.82
C ARG A 335 19.80 -1.13 0.76
N THR A 336 19.01 -1.39 -0.25
CA THR A 336 18.64 -0.35 -1.23
C THR A 336 17.24 0.11 -0.85
N TYR A 337 17.06 1.41 -0.76
CA TYR A 337 15.70 1.95 -0.51
C TYR A 337 15.23 2.77 -1.70
N GLU A 338 13.96 2.61 -2.08
CA GLU A 338 13.41 3.25 -3.30
C GLU A 338 12.59 4.46 -2.92
N LEU A 339 12.59 5.49 -3.78
CA LEU A 339 11.74 6.65 -3.47
C LEU A 339 10.85 6.82 -4.70
N THR A 340 9.51 6.78 -4.52
CA THR A 340 8.60 6.88 -5.68
C THR A 340 7.47 7.82 -5.35
N SER A 341 6.62 8.13 -6.32
CA SER A 341 5.50 8.97 -6.05
C SER A 341 4.40 8.69 -7.12
N ALA A 342 3.13 8.72 -6.70
CA ALA A 342 2.02 8.61 -7.65
C ALA A 342 1.55 10.04 -7.91
N ILE A 343 1.36 10.38 -9.19
CA ILE A 343 1.11 11.80 -9.54
C ILE A 343 -0.13 11.92 -10.39
N GLY A 344 -0.80 13.11 -10.35
CA GLY A 344 -1.90 13.40 -11.26
C GLY A 344 -1.30 13.65 -12.66
N VAL A 345 -2.04 13.32 -13.70
CA VAL A 345 -1.44 13.49 -15.01
C VAL A 345 -2.30 14.40 -15.92
N GLY A 346 -3.31 15.07 -15.34
CA GLY A 346 -3.99 16.14 -16.13
C GLY A 346 -2.95 17.25 -16.40
N TYR A 347 -3.05 17.95 -17.52
CA TYR A 347 -2.02 18.99 -17.84
C TYR A 347 -1.88 20.02 -16.68
N ASP A 348 -3.02 20.36 -16.05
CA ASP A 348 -3.04 21.38 -15.04
C ASP A 348 -2.38 20.91 -13.71
N LYS A 349 -2.18 19.61 -13.53
CA LYS A 349 -1.45 19.07 -12.38
C LYS A 349 0.04 19.03 -12.73
N ILE A 350 0.31 18.53 -13.91
CA ILE A 350 1.70 18.43 -14.38
C ILE A 350 2.44 19.75 -14.45
N GLU A 351 1.71 20.80 -14.84
CA GLU A 351 2.34 22.07 -15.09
C GLU A 351 2.81 22.74 -13.78
N ASP A 352 2.37 22.21 -12.63
CA ASP A 352 2.73 22.84 -11.34
C ASP A 352 3.98 22.23 -10.72
N VAL A 353 4.57 21.26 -11.36
CA VAL A 353 5.81 20.67 -10.83
C VAL A 353 6.85 20.53 -11.93
N ASP A 354 8.11 20.90 -11.64
CA ASP A 354 9.16 20.51 -12.60
C ASP A 354 9.59 19.06 -12.32
N TYR A 355 8.93 18.08 -12.97
CA TYR A 355 9.27 16.71 -12.63
C TYR A 355 10.61 16.25 -13.12
N ALA A 356 11.13 16.87 -14.18
CA ALA A 356 12.47 16.51 -14.58
C ALA A 356 13.48 16.78 -13.46
N ASP A 357 13.21 17.81 -12.63
CA ASP A 357 14.05 18.15 -11.54
C ASP A 357 13.75 17.10 -10.41
N ALA A 358 12.46 16.94 -10.02
CA ALA A 358 12.08 16.01 -8.92
C ALA A 358 12.63 14.62 -9.19
N VAL A 359 12.58 14.21 -10.45
CA VAL A 359 12.73 12.78 -10.73
C VAL A 359 14.18 12.37 -10.60
N GLN A 360 15.15 13.31 -10.62
CA GLN A 360 16.55 12.90 -10.42
C GLN A 360 16.72 12.26 -9.04
N TYR A 361 15.84 12.58 -8.07
CA TYR A 361 15.91 12.00 -6.72
C TYR A 361 15.19 10.68 -6.53
N MET A 362 14.44 10.28 -7.56
CA MET A 362 13.38 9.23 -7.48
C MET A 362 13.70 7.98 -8.27
N ASP A 363 13.22 6.86 -7.79
CA ASP A 363 13.33 5.66 -8.64
C ASP A 363 12.23 5.59 -9.71
N TYR A 364 10.98 5.91 -9.34
CA TYR A 364 9.86 5.82 -10.29
C TYR A 364 8.81 6.84 -10.03
N ILE A 365 8.09 7.21 -11.09
CA ILE A 365 6.87 8.01 -10.91
C ILE A 365 5.74 7.06 -11.36
N PHE A 366 4.73 6.89 -10.52
CA PHE A 366 3.58 6.07 -10.91
C PHE A 366 2.57 7.07 -11.43
N ALA A 367 2.43 7.11 -12.75
CA ALA A 367 1.54 8.05 -13.39
C ALA A 367 0.08 7.60 -13.23
N MET A 368 -0.71 8.37 -12.49
CA MET A 368 -2.13 7.99 -12.30
CA MET A 368 -2.13 8.02 -12.27
C MET A 368 -2.99 8.23 -13.53
N THR A 369 -2.86 7.29 -14.45
CA THR A 369 -3.53 7.40 -15.76
C THR A 369 -4.92 6.76 -15.64
N TYR A 370 -5.71 7.33 -14.73
CA TYR A 370 -7.08 6.92 -14.49
C TYR A 370 -7.79 8.06 -13.74
N ASP A 371 -9.07 7.88 -13.46
CA ASP A 371 -9.89 8.96 -12.85
C ASP A 371 -9.97 10.17 -13.76
N PHE A 372 -9.93 10.00 -15.08
CA PHE A 372 -10.03 11.20 -15.92
C PHE A 372 -11.43 11.77 -15.97
N TYR A 373 -12.43 10.88 -15.79
CA TYR A 373 -13.86 11.27 -15.80
C TYR A 373 -14.43 10.43 -14.69
N GLY A 374 -15.56 10.84 -14.14
CA GLY A 374 -16.15 10.00 -13.05
C GLY A 374 -17.41 10.64 -12.55
N GLY A 375 -17.98 9.97 -11.53
CA GLY A 375 -19.33 10.34 -11.05
C GLY A 375 -19.41 11.66 -10.30
N TRP A 376 -18.28 12.34 -10.05
CA TRP A 376 -18.34 13.66 -9.39
C TRP A 376 -19.07 14.73 -10.25
N ASN A 377 -19.30 14.47 -11.53
CA ASN A 377 -20.21 15.28 -12.35
C ASN A 377 -20.95 14.38 -13.32
N ASN A 378 -21.74 14.99 -14.22
CA ASN A 378 -22.65 14.19 -15.06
C ASN A 378 -22.16 14.12 -16.49
N VAL A 379 -20.84 14.36 -16.64
CA VAL A 379 -20.23 14.30 -17.98
C VAL A 379 -19.53 12.96 -18.17
N PRO A 380 -20.05 12.10 -19.07
CA PRO A 380 -19.48 10.79 -19.27
C PRO A 380 -18.12 10.99 -19.98
N GLY A 381 -17.22 10.05 -19.77
CA GLY A 381 -16.00 10.03 -20.60
C GLY A 381 -15.24 8.77 -20.20
N HIS A 382 -14.10 8.53 -20.85
CA HIS A 382 -13.32 7.33 -20.56
C HIS A 382 -12.41 7.66 -19.41
N GLN A 383 -12.53 6.95 -18.31
CA GLN A 383 -11.76 7.43 -17.08
C GLN A 383 -10.28 7.03 -17.19
N THR A 384 -9.97 6.12 -18.12
CA THR A 384 -8.63 5.59 -18.13
C THR A 384 -8.11 5.34 -19.55
N ALA A 385 -8.61 6.12 -20.50
CA ALA A 385 -8.25 5.90 -21.91
C ALA A 385 -6.79 6.19 -22.18
N LEU A 386 -6.20 5.46 -23.10
CA LEU A 386 -4.89 5.85 -23.65
C LEU A 386 -4.95 7.15 -24.47
N TYR A 387 -5.90 7.22 -25.42
CA TYR A 387 -6.03 8.33 -26.32
C TYR A 387 -7.38 9.03 -26.32
N CYS A 388 -7.52 10.07 -27.13
CA CYS A 388 -8.73 10.88 -27.11
C CYS A 388 -9.86 10.06 -27.74
N GLY A 389 -11.00 10.08 -27.09
CA GLY A 389 -12.10 9.26 -27.53
C GLY A 389 -12.92 9.88 -28.65
N SER A 390 -13.72 9.04 -29.28
CA SER A 390 -14.60 9.50 -30.29
C SER A 390 -15.55 10.65 -29.82
N PHE A 391 -15.94 10.66 -28.54
CA PHE A 391 -16.91 11.63 -28.02
C PHE A 391 -16.32 13.03 -27.95
N MET A 392 -15.00 13.14 -28.00
CA MET A 392 -14.39 14.47 -27.83
C MET A 392 -14.66 15.37 -29.01
N ARG A 393 -14.66 16.68 -28.73
CA ARG A 393 -14.99 17.66 -29.74
C ARG A 393 -13.75 18.12 -30.52
N PRO A 394 -13.99 18.73 -31.69
CA PRO A 394 -12.83 19.30 -32.45
C PRO A 394 -11.98 20.20 -31.57
N GLY A 395 -10.66 19.96 -31.56
CA GLY A 395 -9.70 20.81 -30.82
C GLY A 395 -9.71 20.50 -29.31
N GLN A 396 -10.47 19.50 -28.87
CA GLN A 396 -10.55 19.21 -27.42
C GLN A 396 -9.31 18.40 -27.02
N CYS A 397 -8.97 17.42 -27.84
CA CYS A 397 -7.78 16.55 -27.59
C CYS A 397 -6.50 17.33 -27.28
N ASP A 398 -6.15 18.25 -28.15
CA ASP A 398 -4.92 18.98 -27.87
C ASP A 398 -5.17 20.31 -27.18
N GLY A 399 -6.44 20.64 -26.92
CA GLY A 399 -6.72 21.85 -26.22
C GLY A 399 -6.74 23.08 -27.12
N GLY A 400 -6.57 22.87 -28.43
CA GLY A 400 -6.77 23.97 -29.40
C GLY A 400 -8.17 24.62 -29.52
N GLY A 401 -9.26 23.92 -29.18
CA GLY A 401 -10.60 24.45 -29.52
C GLY A 401 -11.46 25.11 -28.48
N VAL A 402 -12.78 25.03 -28.66
CA VAL A 402 -13.77 25.58 -27.70
C VAL A 402 -14.79 24.56 -27.32
N ASP A 403 -15.37 24.71 -26.13
CA ASP A 403 -16.41 23.79 -25.67
C ASP A 403 -17.79 24.12 -26.28
N GLU A 404 -18.88 23.55 -25.74
CA GLU A 404 -20.22 23.75 -26.31
C GLU A 404 -20.86 25.15 -26.08
N ASN A 405 -20.30 25.92 -25.14
CA ASN A 405 -20.63 27.35 -25.02
C ASN A 405 -19.62 28.26 -25.69
N GLY A 406 -18.71 27.72 -26.48
CA GLY A 406 -17.68 28.53 -27.12
C GLY A 406 -16.48 28.88 -26.26
N GLU A 407 -16.42 28.36 -25.02
CA GLU A 407 -15.28 28.61 -24.12
C GLU A 407 -14.03 27.86 -24.60
N PRO A 408 -12.87 28.55 -24.77
CA PRO A 408 -11.65 27.84 -25.23
C PRO A 408 -11.28 26.75 -24.22
N TYR A 409 -10.81 25.59 -24.69
CA TYR A 409 -10.30 24.58 -23.77
C TYR A 409 -9.05 25.14 -23.14
N LYS A 410 -8.86 24.86 -21.87
CA LYS A 410 -7.71 25.44 -21.15
C LYS A 410 -6.41 24.64 -21.36
N GLY A 411 -6.52 23.39 -21.78
CA GLY A 411 -5.28 22.60 -22.00
C GLY A 411 -5.67 21.29 -22.66
N PRO A 412 -4.69 20.41 -22.94
CA PRO A 412 -5.04 19.11 -23.53
C PRO A 412 -6.01 18.25 -22.70
N ALA A 413 -6.75 17.38 -23.40
CA ALA A 413 -7.76 16.58 -22.68
C ALA A 413 -7.10 15.61 -21.74
N TYR A 414 -7.92 15.12 -20.80
CA TYR A 414 -7.41 14.11 -19.85
C TYR A 414 -7.36 12.72 -20.52
N THR A 415 -6.17 12.30 -20.99
CA THR A 415 -5.91 10.92 -21.48
C THR A 415 -4.56 10.49 -20.99
N ALA A 416 -4.28 9.18 -21.06
CA ALA A 416 -3.02 8.69 -20.53
C ALA A 416 -1.90 9.24 -21.40
N ASP A 417 -2.12 9.21 -22.72
CA ASP A 417 -1.08 9.62 -23.65
C ASP A 417 -0.78 11.10 -23.48
N ASN A 418 -1.79 11.96 -23.32
CA ASN A 418 -1.49 13.37 -23.13
C ASN A 418 -0.58 13.56 -21.88
N GLY A 419 -0.90 12.84 -20.79
CA GLY A 419 -0.15 12.98 -19.52
C GLY A 419 1.29 12.49 -19.70
N ILE A 420 1.45 11.31 -20.30
CA ILE A 420 2.76 10.77 -20.46
C ILE A 420 3.57 11.71 -21.39
N GLN A 421 2.97 12.19 -22.45
CA GLN A 421 3.73 13.06 -23.38
C GLN A 421 4.18 14.38 -22.69
N LEU A 422 3.29 14.93 -21.87
CA LEU A 422 3.66 16.17 -21.14
C LEU A 422 4.82 15.96 -20.19
N LEU A 423 4.87 14.79 -19.57
CA LEU A 423 5.96 14.49 -18.64
C LEU A 423 7.26 14.25 -19.43
N LEU A 424 7.15 13.53 -20.55
CA LEU A 424 8.37 13.36 -21.37
C LEU A 424 8.86 14.70 -21.87
N ALA A 425 7.90 15.55 -22.25
CA ALA A 425 8.26 16.87 -22.77
C ALA A 425 8.99 17.69 -21.71
N GLN A 426 8.67 17.50 -20.41
CA GLN A 426 9.47 18.17 -19.38
C GLN A 426 10.93 17.63 -19.25
N GLY A 427 11.22 16.45 -19.80
CA GLY A 427 12.53 15.88 -19.62
C GLY A 427 12.54 14.76 -18.59
N VAL A 428 11.38 14.28 -18.18
CA VAL A 428 11.39 13.05 -17.36
C VAL A 428 11.80 11.85 -18.25
N PRO A 429 12.73 11.00 -17.80
CA PRO A 429 13.09 9.87 -18.69
C PRO A 429 12.01 8.78 -18.67
N ALA A 430 11.80 8.23 -19.86
CA ALA A 430 10.72 7.25 -20.05
C ALA A 430 10.92 6.08 -19.07
N ASN A 431 12.16 5.66 -18.85
CA ASN A 431 12.40 4.49 -18.01
C ASN A 431 12.19 4.73 -16.49
N LYS A 432 11.73 5.94 -16.11
CA LYS A 432 11.28 6.20 -14.71
C LYS A 432 9.75 6.30 -14.56
N LEU A 433 9.04 6.21 -15.68
CA LEU A 433 7.59 6.39 -15.67
C LEU A 433 6.90 5.01 -15.66
N VAL A 434 5.93 4.84 -14.77
CA VAL A 434 5.17 3.60 -14.66
C VAL A 434 3.66 3.94 -15.00
N LEU A 435 3.10 3.22 -15.97
CA LEU A 435 1.83 3.59 -16.48
C LEU A 435 0.76 2.87 -15.69
N GLY A 436 -0.29 3.59 -15.35
CA GLY A 436 -1.32 3.04 -14.45
C GLY A 436 -2.53 2.42 -15.20
N THR A 437 -3.02 1.36 -14.60
CA THR A 437 -4.15 0.58 -15.07
CA THR A 437 -4.23 0.67 -15.09
C THR A 437 -5.24 0.63 -13.97
N ALA A 438 -6.54 0.74 -14.33
CA ALA A 438 -7.60 0.75 -13.31
C ALA A 438 -8.16 -0.66 -13.11
N MET A 439 -8.22 -1.15 -11.87
CA MET A 439 -8.93 -2.43 -11.64
C MET A 439 -10.36 -2.17 -11.14
N TYR A 440 -10.98 -1.10 -11.65
CA TYR A 440 -12.31 -0.67 -11.19
C TYR A 440 -12.90 0.20 -12.28
N GLY A 441 -14.21 0.35 -12.28
CA GLY A 441 -14.92 1.27 -13.15
C GLY A 441 -15.38 2.46 -12.38
N ARG A 442 -15.62 3.57 -13.09
CA ARG A 442 -16.39 4.64 -12.54
C ARG A 442 -17.66 4.70 -13.38
N GLY A 443 -18.74 5.20 -12.81
CA GLY A 443 -19.95 5.18 -13.62
C GLY A 443 -21.04 6.11 -13.16
N TRP A 444 -22.08 6.15 -14.00
CA TRP A 444 -23.15 7.12 -13.86
C TRP A 444 -24.46 6.33 -14.03
N GLU A 445 -25.55 6.98 -13.61
CA GLU A 445 -26.92 6.52 -13.84
C GLU A 445 -27.48 7.50 -14.83
N GLY A 446 -28.53 7.11 -15.56
CA GLY A 446 -29.34 8.14 -16.22
C GLY A 446 -28.86 8.53 -17.62
N VAL A 447 -27.78 7.88 -18.11
CA VAL A 447 -27.29 8.23 -19.44
C VAL A 447 -28.13 7.42 -20.48
N THR A 448 -29.37 7.82 -20.72
CA THR A 448 -30.23 6.99 -21.54
C THR A 448 -30.09 7.47 -23.02
N PRO A 449 -30.57 6.69 -23.96
CA PRO A 449 -30.41 7.02 -25.40
C PRO A 449 -30.87 8.43 -25.80
N ASP A 450 -31.88 8.99 -25.15
CA ASP A 450 -32.37 10.31 -25.55
C ASP A 450 -31.36 11.43 -25.16
N THR A 451 -30.33 11.10 -24.39
CA THR A 451 -29.36 12.15 -24.05
C THR A 451 -28.17 12.21 -24.99
N LEU A 452 -28.07 11.22 -25.85
CA LEU A 452 -26.86 11.02 -26.67
C LEU A 452 -26.86 12.01 -27.87
N THR A 453 -25.71 12.57 -28.25
CA THR A 453 -25.65 13.29 -29.50
C THR A 453 -25.24 12.30 -30.64
N ASP A 454 -24.53 11.22 -30.37
CA ASP A 454 -24.19 10.17 -31.37
C ASP A 454 -24.86 8.90 -30.79
N PRO A 455 -25.87 8.35 -31.52
CA PRO A 455 -26.75 7.30 -30.94
C PRO A 455 -26.00 5.97 -30.70
N ASN A 456 -24.79 5.82 -31.25
CA ASN A 456 -23.96 4.63 -30.92
C ASN A 456 -22.83 4.84 -29.90
N ASP A 457 -22.81 5.98 -29.24
CA ASP A 457 -21.77 6.29 -28.28
C ASP A 457 -22.38 6.91 -27.05
N PRO A 458 -22.49 6.12 -25.98
CA PRO A 458 -22.99 6.65 -24.69
C PRO A 458 -22.08 7.70 -24.06
N MET A 459 -20.81 7.75 -24.46
CA MET A 459 -19.91 8.82 -23.96
CA MET A 459 -19.95 8.82 -23.92
C MET A 459 -20.35 10.20 -24.45
N THR A 460 -21.38 10.24 -25.33
CA THR A 460 -21.88 11.55 -25.80
C THR A 460 -23.18 11.93 -25.07
N GLY A 461 -23.57 11.13 -24.09
CA GLY A 461 -24.77 11.41 -23.29
C GLY A 461 -24.55 12.27 -22.11
N THR A 462 -25.58 12.41 -21.26
CA THR A 462 -25.49 13.22 -20.06
C THR A 462 -26.08 12.38 -18.93
N ALA A 463 -25.42 12.38 -17.77
CA ALA A 463 -25.92 11.52 -16.68
C ALA A 463 -26.88 12.29 -15.75
N THR A 464 -27.61 11.53 -14.93
CA THR A 464 -28.35 12.13 -13.83
C THR A 464 -27.63 12.06 -12.49
N GLY A 465 -26.64 11.20 -12.34
CA GLY A 465 -25.91 11.13 -11.05
C GLY A 465 -24.94 9.97 -11.13
N LYS A 466 -24.40 9.63 -9.98
CA LYS A 466 -23.39 8.57 -9.86
C LYS A 466 -24.08 7.26 -9.95
N LEU A 467 -23.35 6.24 -10.43
CA LEU A 467 -23.74 4.83 -10.38
C LEU A 467 -24.07 4.42 -8.93
N LYS A 468 -25.20 3.71 -8.74
CA LYS A 468 -25.59 3.22 -7.40
C LYS A 468 -25.56 1.74 -7.49
N GLY A 469 -25.22 1.06 -6.41
CA GLY A 469 -25.18 -0.37 -6.44
C GLY A 469 -24.90 -0.94 -5.07
N SER A 470 -24.95 -2.27 -4.91
CA SER A 470 -24.63 -2.85 -3.59
C SER A 470 -23.22 -3.38 -3.50
N THR A 471 -22.74 -3.54 -2.26
CA THR A 471 -21.40 -4.14 -2.08
C THR A 471 -21.31 -5.57 -2.65
N ALA A 472 -22.40 -6.32 -2.70
CA ALA A 472 -22.43 -7.61 -3.33
C ALA A 472 -22.00 -7.53 -4.82
N GLN A 473 -22.30 -6.40 -5.48
CA GLN A 473 -22.02 -6.21 -6.90
C GLN A 473 -20.64 -5.49 -7.06
N GLY A 474 -19.94 -5.33 -5.95
CA GLY A 474 -18.61 -4.66 -5.91
C GLY A 474 -18.69 -3.14 -5.94
N VAL A 475 -19.84 -2.57 -5.54
CA VAL A 475 -19.97 -1.17 -5.43
C VAL A 475 -19.76 -0.77 -3.98
N TRP A 476 -18.57 -0.28 -3.62
CA TRP A 476 -18.32 0.11 -2.21
C TRP A 476 -18.56 1.56 -1.94
N GLU A 477 -18.62 2.39 -2.98
CA GLU A 477 -18.99 3.80 -2.81
C GLU A 477 -19.68 4.18 -4.12
N ASP A 478 -20.56 5.14 -4.05
CA ASP A 478 -21.33 5.58 -5.23
C ASP A 478 -20.37 5.97 -6.37
N GLY A 479 -20.73 5.62 -7.59
CA GLY A 479 -19.91 5.99 -8.74
C GLY A 479 -18.71 5.09 -9.00
N VAL A 480 -18.50 4.07 -8.19
CA VAL A 480 -17.26 3.27 -8.34
C VAL A 480 -17.58 1.79 -8.21
N ILE A 481 -17.01 0.94 -9.07
CA ILE A 481 -17.31 -0.48 -9.02
C ILE A 481 -16.06 -1.35 -9.29
N ASP A 482 -15.85 -2.39 -8.47
CA ASP A 482 -14.70 -3.25 -8.70
C ASP A 482 -14.78 -3.86 -10.09
N TYR A 483 -13.62 -4.03 -10.73
CA TYR A 483 -13.56 -4.76 -11.97
C TYR A 483 -14.21 -6.18 -11.85
N LYS A 484 -13.95 -6.86 -10.75
CA LYS A 484 -14.53 -8.19 -10.63
C LYS A 484 -16.05 -8.15 -10.53
N GLY A 485 -16.59 -7.03 -10.06
CA GLY A 485 -18.02 -6.85 -10.05
C GLY A 485 -18.59 -6.58 -11.46
N ILE A 486 -17.88 -5.78 -12.25
CA ILE A 486 -18.27 -5.49 -13.64
C ILE A 486 -18.27 -6.83 -14.37
N LYS A 487 -17.27 -7.65 -14.12
CA LYS A 487 -17.14 -8.91 -14.85
C LYS A 487 -18.29 -9.87 -14.47
N SER A 488 -18.53 -10.03 -13.18
CA SER A 488 -19.61 -10.90 -12.68
C SER A 488 -21.06 -10.47 -13.03
N PHE A 489 -21.34 -9.19 -13.04
CA PHE A 489 -22.70 -8.71 -13.05
C PHE A 489 -23.08 -7.87 -14.26
N MET A 490 -22.10 -7.50 -15.11
CA MET A 490 -22.37 -6.65 -16.28
CA MET A 490 -22.41 -6.69 -16.29
C MET A 490 -21.87 -7.26 -17.58
N LEU A 491 -20.70 -7.90 -17.53
CA LEU A 491 -20.07 -8.47 -18.73
C LEU A 491 -20.50 -9.90 -18.93
N GLY A 492 -20.44 -10.69 -17.85
CA GLY A 492 -20.71 -12.11 -17.91
C GLY A 492 -19.53 -12.86 -18.51
N ALA A 493 -19.63 -14.19 -18.45
CA ALA A 493 -18.55 -15.10 -18.87
C ALA A 493 -17.98 -14.82 -20.27
N ASN A 494 -18.83 -14.44 -21.22
CA ASN A 494 -18.39 -14.17 -22.57
C ASN A 494 -18.08 -12.72 -22.98
N ASN A 495 -18.13 -11.81 -22.00
CA ASN A 495 -17.82 -10.42 -22.22
C ASN A 495 -18.73 -9.72 -23.20
N THR A 496 -19.95 -10.26 -23.34
CA THR A 496 -20.90 -9.68 -24.26
C THR A 496 -22.05 -8.94 -23.59
N GLY A 497 -22.19 -9.00 -22.26
CA GLY A 497 -23.17 -8.13 -21.56
C GLY A 497 -24.33 -8.93 -20.97
N ILE A 498 -24.65 -8.70 -19.70
CA ILE A 498 -25.71 -9.46 -19.05
C ILE A 498 -26.46 -8.51 -18.17
N ASN A 499 -27.61 -8.91 -17.65
CA ASN A 499 -28.39 -8.04 -16.76
C ASN A 499 -28.77 -6.71 -17.37
N GLY A 500 -28.97 -6.65 -18.68
CA GLY A 500 -29.41 -5.41 -19.32
C GLY A 500 -28.26 -4.53 -19.84
N PHE A 501 -27.01 -4.92 -19.53
CA PHE A 501 -25.82 -4.23 -20.06
C PHE A 501 -25.35 -4.72 -21.42
N GLU A 502 -24.81 -3.80 -22.24
CA GLU A 502 -24.10 -4.21 -23.45
C GLU A 502 -22.66 -3.69 -23.31
N TYR A 503 -21.73 -4.39 -23.95
CA TYR A 503 -20.31 -4.04 -23.94
C TYR A 503 -19.99 -3.19 -25.17
N GLY A 504 -19.18 -2.13 -25.03
CA GLY A 504 -18.69 -1.42 -26.21
C GLY A 504 -17.22 -1.12 -26.07
N TYR A 505 -16.53 -0.78 -27.16
CA TYR A 505 -15.09 -0.44 -27.06
C TYR A 505 -14.82 0.67 -28.00
N ASP A 506 -14.20 1.74 -27.50
CA ASP A 506 -13.87 2.89 -28.34
C ASP A 506 -12.44 2.60 -28.83
N ALA A 507 -12.32 2.13 -30.09
CA ALA A 507 -11.03 1.73 -30.64
C ALA A 507 -10.01 2.93 -30.76
N GLN A 508 -10.51 4.14 -30.93
CA GLN A 508 -9.68 5.35 -31.06
C GLN A 508 -8.99 5.66 -29.72
N ALA A 509 -9.81 5.60 -28.65
CA ALA A 509 -9.37 5.89 -27.30
C ALA A 509 -8.60 4.69 -26.66
N GLU A 510 -8.93 3.45 -27.06
CA GLU A 510 -8.52 2.20 -26.42
C GLU A 510 -9.19 2.15 -25.04
N ALA A 511 -10.54 2.13 -25.03
CA ALA A 511 -11.26 2.16 -23.73
C ALA A 511 -12.59 1.45 -23.89
N PRO A 512 -12.87 0.52 -22.98
CA PRO A 512 -14.13 -0.20 -22.89
C PRO A 512 -15.18 0.49 -22.01
N TRP A 513 -16.42 0.07 -22.25
CA TRP A 513 -17.53 0.49 -21.42
C TRP A 513 -18.59 -0.61 -21.40
N VAL A 514 -19.39 -0.58 -20.35
CA VAL A 514 -20.69 -1.30 -20.39
C VAL A 514 -21.81 -0.31 -20.16
N TRP A 515 -22.97 -0.52 -20.83
CA TRP A 515 -24.03 0.44 -20.77
C TRP A 515 -25.34 -0.35 -20.66
N ASN A 516 -26.23 0.16 -19.82
CA ASN A 516 -27.59 -0.37 -19.68
C ASN A 516 -28.46 0.74 -20.16
N ARG A 517 -28.94 0.58 -21.38
CA ARG A 517 -29.74 1.64 -22.01
C ARG A 517 -30.96 2.03 -21.21
N SER A 518 -31.56 1.10 -20.46
CA SER A 518 -32.82 1.47 -19.75
C SER A 518 -32.61 2.27 -18.44
N THR A 519 -31.63 1.85 -17.63
CA THR A 519 -31.38 2.58 -16.42
C THR A 519 -30.48 3.76 -16.73
N GLY A 520 -29.81 3.68 -17.89
CA GLY A 520 -28.85 4.69 -18.26
C GLY A 520 -27.55 4.51 -17.45
N GLU A 521 -27.37 3.36 -16.79
CA GLU A 521 -26.10 3.04 -16.12
C GLU A 521 -24.95 2.91 -17.11
N LEU A 522 -23.88 3.66 -16.86
CA LEU A 522 -22.77 3.57 -17.85
C LEU A 522 -21.47 3.51 -17.02
N ILE A 523 -20.60 2.54 -17.30
CA ILE A 523 -19.35 2.33 -16.54
C ILE A 523 -18.16 2.33 -17.51
N THR A 524 -17.13 3.11 -17.13
CA THR A 524 -15.88 3.18 -17.88
C THR A 524 -14.80 2.51 -17.02
N PHE A 525 -13.93 1.66 -17.61
CA PHE A 525 -13.07 0.79 -16.81
C PHE A 525 -11.93 0.38 -17.76
N ASP A 526 -11.05 -0.50 -17.30
CA ASP A 526 -10.00 -1.11 -18.13
C ASP A 526 -10.33 -2.59 -18.28
N ASP A 527 -10.19 -3.14 -19.48
CA ASP A 527 -10.43 -4.55 -19.68
C ASP A 527 -9.19 -5.18 -20.35
N HIS A 528 -9.28 -6.46 -20.64
CA HIS A 528 -8.23 -7.18 -21.30
C HIS A 528 -7.70 -6.43 -22.53
N ARG A 529 -8.59 -6.00 -23.44
CA ARG A 529 -8.13 -5.32 -24.67
C ARG A 529 -7.40 -3.97 -24.40
N SER A 530 -7.95 -3.15 -23.48
CA SER A 530 -7.37 -1.83 -23.25
C SER A 530 -6.04 -2.03 -22.48
N VAL A 531 -5.94 -3.04 -21.66
CA VAL A 531 -4.72 -3.23 -20.88
C VAL A 531 -3.58 -3.76 -21.82
N LEU A 532 -3.93 -4.63 -22.75
CA LEU A 532 -2.96 -4.97 -23.81
C LEU A 532 -2.46 -3.71 -24.60
N ALA A 533 -3.38 -2.81 -24.89
CA ALA A 533 -3.00 -1.56 -25.60
C ALA A 533 -2.03 -0.75 -24.74
N LYS A 534 -2.33 -0.69 -23.42
CA LYS A 534 -1.42 -0.02 -22.50
C LYS A 534 -0.07 -0.65 -22.43
N GLY A 535 0.00 -1.99 -22.44
CA GLY A 535 1.25 -2.70 -22.40
C GLY A 535 2.04 -2.37 -23.69
N ASN A 536 1.35 -2.40 -24.81
CA ASN A 536 2.03 -2.13 -26.09
C ASN A 536 2.59 -0.71 -26.07
N TYR A 537 1.79 0.23 -25.53
CA TYR A 537 2.22 1.62 -25.44
C TYR A 537 3.44 1.80 -24.59
N ALA A 538 3.40 1.21 -23.39
CA ALA A 538 4.54 1.23 -22.44
C ALA A 538 5.79 0.64 -23.09
N LYS A 539 5.62 -0.51 -23.71
CA LYS A 539 6.73 -1.12 -24.45
C LYS A 539 7.28 -0.21 -25.55
N SER A 540 6.40 0.41 -26.33
CA SER A 540 6.83 1.30 -27.44
C SER A 540 7.67 2.43 -26.96
N LEU A 541 7.25 3.03 -25.85
CA LEU A 541 7.95 4.19 -25.32
C LEU A 541 9.14 3.91 -24.39
N GLY A 542 9.35 2.67 -24.03
CA GLY A 542 10.40 2.27 -23.12
C GLY A 542 10.08 2.76 -21.71
N LEU A 543 8.79 2.75 -21.34
CA LEU A 543 8.41 3.03 -19.94
C LEU A 543 8.94 1.96 -18.99
N ALA A 544 8.99 2.27 -17.68
CA ALA A 544 9.48 1.30 -16.68
C ALA A 544 8.57 0.05 -16.53
N GLY A 545 7.29 0.23 -16.79
CA GLY A 545 6.32 -0.87 -16.67
C GLY A 545 4.91 -0.35 -16.36
N LEU A 546 4.11 -1.18 -15.65
CA LEU A 546 2.71 -0.87 -15.40
C LEU A 546 2.42 -1.01 -13.91
N PHE A 547 1.41 -0.30 -13.41
CA PHE A 547 0.96 -0.54 -12.06
C PHE A 547 -0.56 -0.45 -12.08
N SER A 548 -1.18 -0.88 -10.99
CA SER A 548 -2.65 -0.88 -10.95
C SER A 548 -3.16 -0.45 -9.58
N TRP A 549 -4.45 -0.11 -9.54
N TRP A 549 -4.33 0.19 -9.58
CA TRP A 549 -5.13 0.48 -8.38
CA TRP A 549 -5.13 0.39 -8.36
C TRP A 549 -6.54 -0.19 -8.50
C TRP A 549 -6.47 -0.33 -8.58
N GLU A 550 -6.97 -1.11 -7.61
CA GLU A 550 -6.29 -1.61 -6.46
C GLU A 550 -6.49 -3.15 -6.53
N ILE A 551 -5.57 -3.89 -5.96
CA ILE A 551 -5.42 -5.34 -6.24
C ILE A 551 -6.66 -6.14 -5.79
N ASP A 552 -7.33 -5.71 -4.72
CA ASP A 552 -8.45 -6.51 -4.22
C ASP A 552 -9.62 -6.49 -5.23
N ALA A 553 -9.68 -5.50 -6.14
CA ALA A 553 -10.84 -5.36 -7.04
C ALA A 553 -10.69 -6.21 -8.31
N ASP A 554 -9.47 -6.73 -8.57
CA ASP A 554 -9.24 -7.56 -9.76
C ASP A 554 -9.70 -9.02 -9.44
N ASN A 555 -10.00 -9.81 -10.48
CA ASN A 555 -10.20 -11.26 -10.30
C ASN A 555 -9.06 -12.07 -10.94
N GLY A 556 -7.97 -11.40 -11.35
CA GLY A 556 -6.92 -12.04 -12.05
C GLY A 556 -6.83 -11.51 -13.46
N ASP A 557 -7.97 -11.13 -14.07
CA ASP A 557 -7.97 -10.79 -15.51
C ASP A 557 -7.06 -9.58 -15.79
N ILE A 558 -7.11 -8.54 -14.93
CA ILE A 558 -6.36 -7.33 -15.26
C ILE A 558 -4.87 -7.51 -15.08
N LEU A 559 -4.46 -8.09 -13.96
CA LEU A 559 -3.02 -8.32 -13.75
C LEU A 559 -2.49 -9.34 -14.85
N ASN A 560 -3.27 -10.37 -15.17
CA ASN A 560 -2.87 -11.21 -16.29
C ASN A 560 -2.68 -10.42 -17.58
N ALA A 561 -3.63 -9.52 -17.90
CA ALA A 561 -3.51 -8.70 -19.13
C ALA A 561 -2.31 -7.76 -19.08
N MET A 562 -1.96 -7.28 -17.87
CA MET A 562 -0.76 -6.42 -17.71
C MET A 562 0.46 -7.21 -18.13
N HIS A 563 0.55 -8.45 -17.70
CA HIS A 563 1.72 -9.26 -18.03
C HIS A 563 1.67 -9.62 -19.54
N GLU A 564 0.52 -10.03 -20.01
CA GLU A 564 0.40 -10.35 -21.44
C GLU A 564 0.68 -9.16 -22.35
N GLY A 565 0.28 -7.98 -21.90
CA GLY A 565 0.42 -6.77 -22.73
C GLY A 565 1.89 -6.40 -22.81
N MET A 566 2.65 -6.70 -21.76
CA MET A 566 4.05 -6.29 -21.75
C MET A 566 4.85 -7.24 -22.60
N ALA A 567 4.52 -8.53 -22.56
CA ALA A 567 5.15 -9.54 -23.41
C ALA A 567 4.89 -9.19 -24.89
N GLY A 568 3.62 -8.94 -25.24
CA GLY A 568 3.12 -8.95 -26.66
C GLY A 568 3.13 -7.68 -27.53
N GLY A 569 3.41 -6.53 -26.92
CA GLY A 569 3.52 -5.31 -27.67
C GLY A 569 4.58 -5.43 -28.78
N VAL A 570 4.22 -4.86 -29.92
CA VAL A 570 4.89 -5.22 -31.17
C VAL A 570 5.78 -4.11 -31.77
#